data_6B1R
#
_entry.id   6B1R
#
_cell.length_a   55.214
_cell.length_b   146.194
_cell.length_c   47.073
_cell.angle_alpha   90.00
_cell.angle_beta   90.00
_cell.angle_gamma   90.00
#
_symmetry.space_group_name_H-M   'P 21 21 2'
#
loop_
_entity.id
_entity.type
_entity.pdbx_description
1 polymer 'Reverse transcriptase'
2 polymer "DNA (5'-D(*CP*TP*TP*AP*TP*(1WA)P*(1WA)P*(1WA))-3')"
3 polymer "DNA (5'-D(P*(IGU)P*(IGU)P*(IGU)P*AP*TP*AP*AP*G)-3')"
4 water water
#
loop_
_entity_poly.entity_id
_entity_poly.type
_entity_poly.pdbx_seq_one_letter_code
_entity_poly.pdbx_strand_id
1 'polypeptide(L)'
;GSHMTWLSDFPQAWAETGGMGLAVRQAPLIIPLKATSTPVSIKQYPMSQEARLGIKPHIQRLLDQGILVPCQSPWNTPLL
PVKKPGTNDYRPVQDLREVNKRVEDIHPTVPNPYNLLSGLPPSHQWYTVLDLKDAFFCLRLHPTSQPLFAFEWRDPEMGI
SGQLTWTRLPQGFKNSPTLFDEALHRDLADFRIQHPDLILLQYVDDLLLAATSELDCQQGTRALLQTLGNLGYRASAKKA
QICQKQVKYLGYLLKEGQR
;
A
2 'polydeoxyribonucleotide' (DC)(DT)(DT)(DA)(DT)(1WA)(1WA)(1WA) B
3 'polydeoxyribonucleotide' (IGU)(IGU)(IGU)(DA)(DT)(DA)(DA)(DG) G
#
# COMPACT_ATOMS: atom_id res chain seq x y z
N THR A 5 19.10 -4.08 -18.05
CA THR A 5 18.92 -3.15 -16.96
C THR A 5 17.98 -3.75 -15.91
N TRP A 6 17.87 -3.07 -14.76
CA TRP A 6 16.96 -3.54 -13.72
C TRP A 6 15.52 -3.49 -14.18
N LEU A 7 15.17 -2.50 -15.00
CA LEU A 7 13.80 -2.38 -15.50
C LEU A 7 13.44 -3.55 -16.40
N SER A 8 14.28 -3.85 -17.40
CA SER A 8 13.91 -4.84 -18.40
C SER A 8 13.93 -6.25 -17.83
N ASP A 9 14.74 -6.51 -16.80
CA ASP A 9 14.88 -7.86 -16.27
C ASP A 9 13.76 -8.26 -15.32
N PHE A 10 12.98 -7.31 -14.82
CA PHE A 10 11.90 -7.61 -13.88
C PHE A 10 10.65 -6.81 -14.26
N PRO A 11 10.08 -7.10 -15.42
CA PRO A 11 8.96 -6.28 -15.90
C PRO A 11 7.71 -6.41 -15.05
N GLN A 12 7.55 -7.55 -14.36
CA GLN A 12 6.38 -7.75 -13.52
C GLN A 12 6.51 -7.02 -12.19
N ALA A 13 7.74 -6.76 -11.74
CA ALA A 13 7.96 -6.20 -10.41
C ALA A 13 7.76 -4.69 -10.36
N TRP A 14 7.87 -3.98 -11.48
CA TRP A 14 7.83 -2.53 -11.48
C TRP A 14 6.44 -2.04 -11.86
N ALA A 15 5.96 -1.02 -11.14
CA ALA A 15 4.65 -0.44 -11.45
C ALA A 15 4.61 0.09 -12.88
N GLU A 16 5.74 0.58 -13.38
CA GLU A 16 5.78 1.18 -14.71
C GLU A 16 5.47 0.16 -15.80
N THR A 17 5.83 -1.11 -15.59
CA THR A 17 5.69 -2.13 -16.61
C THR A 17 4.75 -3.27 -16.27
N GLY A 18 4.46 -3.51 -15.00
CA GLY A 18 3.73 -4.70 -14.62
C GLY A 18 2.24 -4.54 -14.40
N GLY A 19 1.70 -3.34 -14.57
CA GLY A 19 0.29 -3.10 -14.31
C GLY A 19 -0.01 -2.91 -12.84
N MET A 20 -1.28 -2.59 -12.57
CA MET A 20 -1.75 -2.42 -11.20
C MET A 20 -1.60 -3.73 -10.44
N GLY A 21 -1.12 -3.64 -9.21
CA GLY A 21 -0.89 -4.84 -8.42
C GLY A 21 -2.16 -5.45 -7.86
N LEU A 22 -2.01 -6.65 -7.30
CA LEU A 22 -3.08 -7.37 -6.64
C LEU A 22 -2.39 -8.48 -5.87
N ALA A 23 -2.52 -8.49 -4.55
CA ALA A 23 -1.81 -9.47 -3.70
C ALA A 23 -2.55 -10.79 -3.74
N VAL A 24 -2.11 -11.67 -4.65
CA VAL A 24 -2.89 -12.86 -5.00
C VAL A 24 -2.90 -13.89 -3.89
N ARG A 25 -1.96 -13.84 -2.95
CA ARG A 25 -1.97 -14.84 -1.88
C ARG A 25 -2.79 -14.39 -0.68
N GLN A 26 -3.27 -13.16 -0.66
CA GLN A 26 -3.92 -12.60 0.52
C GLN A 26 -5.43 -12.73 0.40
N ALA A 27 -6.07 -13.38 1.38
CA ALA A 27 -7.51 -13.50 1.29
C ALA A 27 -8.17 -12.12 1.36
N PRO A 28 -9.26 -11.90 0.65
CA PRO A 28 -9.98 -10.61 0.75
C PRO A 28 -10.30 -10.30 2.20
N LEU A 29 -10.05 -9.05 2.60
CA LEU A 29 -10.08 -8.67 4.01
C LEU A 29 -11.52 -8.43 4.47
N ILE A 30 -11.86 -8.99 5.64
CA ILE A 30 -13.12 -8.71 6.33
C ILE A 30 -12.82 -7.68 7.42
N ILE A 31 -13.60 -6.61 7.46
CA ILE A 31 -13.38 -5.49 8.39
C ILE A 31 -14.40 -5.57 9.52
N PRO A 32 -14.04 -6.06 10.71
CA PRO A 32 -15.03 -6.16 11.79
C PRO A 32 -15.45 -4.81 12.34
N LEU A 33 -16.76 -4.67 12.56
CA LEU A 33 -17.29 -3.46 13.17
C LEU A 33 -17.29 -3.59 14.69
N LYS A 34 -17.32 -2.42 15.37
CA LYS A 34 -17.56 -2.41 16.81
C LYS A 34 -18.93 -3.03 17.11
N ALA A 35 -19.06 -3.54 18.34
CA ALA A 35 -20.23 -4.32 18.71
C ALA A 35 -21.53 -3.56 18.58
N THR A 36 -21.52 -2.24 18.72
CA THR A 36 -22.77 -1.46 18.69
C THR A 36 -23.00 -0.67 17.41
N SER A 37 -22.14 -0.80 16.40
CA SER A 37 -22.23 0.08 15.26
C SER A 37 -23.44 -0.24 14.38
N THR A 38 -24.02 0.81 13.79
CA THR A 38 -24.93 0.70 12.66
C THR A 38 -24.45 1.60 11.53
N PRO A 39 -24.95 1.41 10.30
CA PRO A 39 -24.45 2.22 9.19
C PRO A 39 -24.74 3.70 9.37
N VAL A 40 -23.86 4.52 8.80
CA VAL A 40 -24.01 5.96 8.78
C VAL A 40 -24.04 6.39 7.32
N SER A 41 -24.99 7.26 6.98
CA SER A 41 -25.16 7.72 5.60
C SER A 41 -25.11 9.23 5.62
N ILE A 42 -23.99 9.80 5.19
CA ILE A 42 -23.79 11.24 5.16
C ILE A 42 -24.03 11.74 3.74
N LYS A 43 -24.82 12.80 3.62
CA LYS A 43 -25.16 13.39 2.33
C LYS A 43 -23.91 13.98 1.67
N GLN A 44 -23.76 13.72 0.37
CA GLN A 44 -22.71 14.38 -0.40
C GLN A 44 -23.08 15.85 -0.58
N TYR A 45 -22.23 16.72 -0.05
CA TYR A 45 -22.36 18.14 -0.31
C TYR A 45 -22.05 18.42 -1.79
N PRO A 46 -22.84 19.29 -2.44
CA PRO A 46 -22.68 19.46 -3.89
C PRO A 46 -21.28 19.96 -4.23
N MET A 47 -20.69 19.34 -5.24
CA MET A 47 -19.36 19.64 -5.70
C MET A 47 -19.44 20.58 -6.90
N SER A 48 -18.52 21.55 -6.96
CA SER A 48 -18.46 22.43 -8.12
C SER A 48 -18.16 21.63 -9.38
N GLN A 49 -18.55 22.17 -10.53
CA GLN A 49 -18.21 21.49 -11.77
C GLN A 49 -16.71 21.34 -11.91
N GLU A 50 -15.96 22.37 -11.48
CA GLU A 50 -14.50 22.33 -11.60
C GLU A 50 -13.92 21.14 -10.84
N ALA A 51 -14.39 20.92 -9.62
CA ALA A 51 -13.89 19.79 -8.84
C ALA A 51 -14.37 18.48 -9.44
N ARG A 52 -15.61 18.43 -9.93
CA ARG A 52 -16.12 17.20 -10.52
C ARG A 52 -15.32 16.82 -11.76
N LEU A 53 -15.06 17.79 -12.65
CA LEU A 53 -14.28 17.50 -13.84
C LEU A 53 -12.86 17.09 -13.49
N GLY A 54 -12.31 17.62 -12.39
CA GLY A 54 -10.99 17.20 -11.97
C GLY A 54 -10.96 15.77 -11.49
N ILE A 55 -11.98 15.37 -10.71
CA ILE A 55 -12.04 14.03 -10.11
C ILE A 55 -12.39 12.98 -11.14
N LYS A 56 -13.22 13.34 -12.13
CA LYS A 56 -13.79 12.39 -13.08
C LYS A 56 -12.80 11.41 -13.71
N PRO A 57 -11.66 11.82 -14.28
CA PRO A 57 -10.82 10.82 -14.97
C PRO A 57 -10.20 9.83 -14.00
N HIS A 58 -10.02 10.22 -12.74
CA HIS A 58 -9.55 9.29 -11.72
C HIS A 58 -10.61 8.23 -11.42
N ILE A 59 -11.87 8.64 -11.27
CA ILE A 59 -12.96 7.70 -11.04
C ILE A 59 -13.09 6.75 -12.21
N GLN A 60 -12.99 7.27 -13.43
CA GLN A 60 -13.13 6.39 -14.58
C GLN A 60 -11.99 5.37 -14.63
N ARG A 61 -10.76 5.79 -14.31
CA ARG A 61 -9.64 4.87 -14.34
C ARG A 61 -9.80 3.78 -13.28
N LEU A 62 -10.28 4.17 -12.09
CA LEU A 62 -10.47 3.19 -11.03
C LEU A 62 -11.60 2.22 -11.37
N LEU A 63 -12.65 2.71 -12.04
CA LEU A 63 -13.71 1.81 -12.49
C LEU A 63 -13.17 0.82 -13.51
N ASP A 64 -12.41 1.33 -14.49
CA ASP A 64 -11.78 0.46 -15.49
C ASP A 64 -10.90 -0.60 -14.85
N GLN A 65 -10.20 -0.24 -13.76
CA GLN A 65 -9.31 -1.18 -13.09
C GLN A 65 -10.05 -2.12 -12.14
N GLY A 66 -11.35 -1.92 -11.94
CA GLY A 66 -12.11 -2.74 -11.03
C GLY A 66 -11.93 -2.40 -9.56
N ILE A 67 -11.20 -1.31 -9.27
CA ILE A 67 -10.94 -0.92 -7.90
C ILE A 67 -12.16 -0.20 -7.31
N LEU A 68 -12.93 0.47 -8.16
CA LEU A 68 -14.26 0.97 -7.80
C LEU A 68 -15.32 0.17 -8.55
N VAL A 69 -16.44 -0.08 -7.87
CA VAL A 69 -17.60 -0.71 -8.52
C VAL A 69 -18.86 0.00 -8.09
N PRO A 70 -19.90 -0.03 -8.93
CA PRO A 70 -21.20 0.47 -8.49
C PRO A 70 -21.75 -0.36 -7.33
N CYS A 71 -22.57 0.29 -6.51
CA CYS A 71 -23.24 -0.43 -5.42
C CYS A 71 -24.41 0.39 -4.91
N GLN A 72 -25.22 -0.26 -4.08
CA GLN A 72 -26.21 0.39 -3.22
C GLN A 72 -25.90 -0.02 -1.79
N SER A 73 -25.68 0.96 -0.92
CA SER A 73 -25.18 0.70 0.43
C SER A 73 -25.86 1.61 1.44
N PRO A 74 -26.18 1.10 2.64
CA PRO A 74 -26.68 1.97 3.71
C PRO A 74 -25.62 2.87 4.30
N TRP A 75 -24.36 2.65 3.94
CA TRP A 75 -23.26 3.52 4.32
C TRP A 75 -23.03 4.53 3.22
N ASN A 76 -22.67 5.75 3.60
CA ASN A 76 -22.24 6.74 2.61
C ASN A 76 -21.39 7.79 3.30
N THR A 77 -20.24 8.11 2.71
CA THR A 77 -19.41 9.20 3.21
C THR A 77 -19.08 10.13 2.05
N PRO A 78 -18.82 11.40 2.35
CA PRO A 78 -18.64 12.37 1.27
C PRO A 78 -17.25 12.34 0.67
N LEU A 79 -17.19 12.66 -0.61
CA LEU A 79 -15.94 13.02 -1.27
C LEU A 79 -15.64 14.49 -1.05
N LEU A 80 -14.36 14.80 -0.84
CA LEU A 80 -13.99 16.20 -0.75
C LEU A 80 -13.37 16.68 -2.06
N PRO A 81 -13.51 17.98 -2.36
CA PRO A 81 -12.71 18.59 -3.43
C PRO A 81 -11.35 19.08 -2.93
N VAL A 82 -10.28 18.33 -3.18
CA VAL A 82 -8.95 18.74 -2.71
C VAL A 82 -8.09 19.31 -3.85
N TYR A 90 -7.06 18.28 -9.08
CA TYR A 90 -8.00 17.57 -8.21
C TYR A 90 -7.82 16.05 -8.30
N ARG A 91 -8.14 15.36 -7.20
CA ARG A 91 -8.21 13.90 -7.12
C ARG A 91 -8.89 13.55 -5.80
N PRO A 92 -9.75 12.52 -5.75
CA PRO A 92 -10.71 12.42 -4.65
C PRO A 92 -10.07 12.01 -3.32
N VAL A 93 -10.54 12.66 -2.26
CA VAL A 93 -10.27 12.26 -0.88
C VAL A 93 -11.62 12.02 -0.21
N GLN A 94 -11.75 10.89 0.47
CA GLN A 94 -12.99 10.53 1.15
C GLN A 94 -12.89 10.87 2.63
N ASP A 95 -13.95 11.49 3.19
CA ASP A 95 -13.99 11.76 4.64
C ASP A 95 -14.54 10.50 5.31
N LEU A 96 -13.64 9.62 5.71
CA LEU A 96 -14.01 8.35 6.32
C LEU A 96 -14.09 8.41 7.83
N ARG A 97 -14.05 9.61 8.43
CA ARG A 97 -13.99 9.68 9.89
C ARG A 97 -15.15 8.96 10.56
N GLU A 98 -16.38 9.08 10.03
CA GLU A 98 -17.51 8.42 10.69
C GLU A 98 -17.51 6.91 10.48
N VAL A 99 -16.88 6.43 9.42
CA VAL A 99 -16.72 4.99 9.24
C VAL A 99 -15.66 4.46 10.21
N ASN A 100 -14.53 5.18 10.31
CA ASN A 100 -13.44 4.75 11.19
C ASN A 100 -13.91 4.63 12.64
N LYS A 101 -14.76 5.56 13.09
CA LYS A 101 -15.29 5.49 14.46
C LYS A 101 -16.09 4.22 14.71
N ARG A 102 -16.67 3.64 13.67
CA ARG A 102 -17.55 2.48 13.84
C ARG A 102 -16.84 1.15 13.62
N VAL A 103 -15.56 1.18 13.22
CA VAL A 103 -14.78 -0.03 12.93
C VAL A 103 -13.97 -0.41 14.16
N GLU A 104 -13.94 -1.71 14.47
CA GLU A 104 -13.22 -2.17 15.66
C GLU A 104 -11.73 -1.85 15.54
N ASP A 105 -11.14 -1.44 16.65
CA ASP A 105 -9.73 -1.11 16.62
C ASP A 105 -8.87 -2.37 16.62
N ILE A 106 -7.68 -2.24 16.02
CA ILE A 106 -6.69 -3.30 16.04
C ILE A 106 -5.42 -2.76 16.66
N HIS A 107 -4.61 -3.67 17.20
CA HIS A 107 -3.35 -3.26 17.80
C HIS A 107 -2.43 -2.71 16.72
N PRO A 108 -1.79 -1.57 16.94
CA PRO A 108 -0.88 -1.02 15.93
C PRO A 108 0.47 -1.74 15.97
N THR A 109 0.79 -2.47 14.90
CA THR A 109 2.02 -3.26 14.88
C THR A 109 3.10 -2.70 13.97
N VAL A 110 2.85 -1.59 13.27
CA VAL A 110 3.88 -0.96 12.45
C VAL A 110 4.91 -0.35 13.41
N PRO A 111 6.20 -0.72 13.34
CA PRO A 111 7.18 -0.12 14.25
C PRO A 111 7.45 1.34 13.90
N ASN A 112 7.92 2.12 14.90
CA ASN A 112 8.29 3.47 14.49
C ASN A 112 9.65 3.46 13.81
N PRO A 113 9.89 4.39 12.87
CA PRO A 113 11.12 4.32 12.05
C PRO A 113 12.40 4.27 12.86
N TYR A 114 12.46 5.02 13.96
CA TYR A 114 13.68 5.05 14.77
C TYR A 114 14.03 3.65 15.26
N ASN A 115 13.03 2.94 15.80
CA ASN A 115 13.29 1.59 16.29
C ASN A 115 13.53 0.62 15.13
N LEU A 116 12.79 0.78 14.03
CA LEU A 116 13.03 -0.07 12.87
C LEU A 116 14.48 0.01 12.43
N LEU A 117 15.07 1.21 12.40
CA LEU A 117 16.43 1.35 11.90
C LEU A 117 17.47 0.80 12.86
N SER A 118 17.10 0.56 14.12
CA SER A 118 18.05 -0.06 15.05
C SER A 118 18.44 -1.46 14.60
N GLY A 119 17.58 -2.12 13.81
CA GLY A 119 17.84 -3.47 13.38
C GLY A 119 18.72 -3.56 12.14
N LEU A 120 19.49 -2.51 11.89
CA LEU A 120 20.38 -2.46 10.73
C LEU A 120 21.82 -2.47 11.22
N PRO A 121 22.48 -3.61 11.23
CA PRO A 121 23.83 -3.69 11.81
C PRO A 121 24.87 -3.05 10.90
N PRO A 122 26.02 -2.66 11.46
CA PRO A 122 27.05 -2.00 10.63
C PRO A 122 27.74 -2.94 9.65
N SER A 123 27.56 -4.25 9.78
CA SER A 123 28.13 -5.20 8.83
C SER A 123 27.46 -5.09 7.46
N HIS A 124 26.19 -4.70 7.42
CA HIS A 124 25.42 -4.63 6.19
C HIS A 124 25.34 -3.17 5.74
N GLN A 125 26.13 -2.81 4.72
CA GLN A 125 26.22 -1.43 4.28
C GLN A 125 25.97 -1.25 2.78
N TRP A 126 25.49 -2.28 2.08
CA TRP A 126 25.02 -2.15 0.71
C TRP A 126 23.49 -2.19 0.72
N TYR A 127 22.87 -1.12 0.21
CA TYR A 127 21.44 -0.90 0.41
C TYR A 127 20.67 -0.85 -0.91
N THR A 128 19.45 -1.36 -0.87
CA THR A 128 18.44 -1.12 -1.90
C THR A 128 17.19 -0.63 -1.20
N VAL A 129 16.60 0.45 -1.71
CA VAL A 129 15.35 0.98 -1.19
C VAL A 129 14.29 0.90 -2.28
N LEU A 130 13.17 0.27 -1.96
CA LEU A 130 12.02 0.17 -2.85
C LEU A 130 10.82 0.78 -2.16
N ASP A 131 9.98 1.47 -2.92
CA ASP A 131 8.68 1.88 -2.41
C ASP A 131 7.59 1.29 -3.30
N LEU A 132 6.62 0.66 -2.66
CA LEU A 132 5.56 -0.04 -3.37
C LEU A 132 4.46 0.93 -3.75
N LYS A 133 4.08 0.88 -5.02
CA LYS A 133 3.10 1.79 -5.61
C LYS A 133 1.69 1.27 -5.38
N ASP A 134 0.80 2.16 -4.97
CA ASP A 134 -0.62 1.82 -4.77
C ASP A 134 -0.74 0.59 -3.87
N ALA A 135 -0.01 0.61 -2.76
CA ALA A 135 0.14 -0.57 -1.92
C ALA A 135 -1.20 -1.03 -1.35
N PHE A 136 -2.00 -0.11 -0.78
CA PHE A 136 -3.26 -0.51 -0.17
C PHE A 136 -4.19 -1.10 -1.21
N PHE A 137 -4.20 -0.52 -2.41
CA PHE A 137 -5.05 -1.06 -3.46
C PHE A 137 -4.67 -2.49 -3.85
N CYS A 138 -3.48 -2.98 -3.45
CA CYS A 138 -3.15 -4.37 -3.77
C CYS A 138 -3.92 -5.35 -2.90
N LEU A 139 -4.47 -4.90 -1.76
CA LEU A 139 -5.20 -5.81 -0.87
C LEU A 139 -6.70 -5.77 -1.17
N ARG A 140 -7.25 -6.90 -1.55
CA ARG A 140 -8.69 -6.99 -1.81
C ARG A 140 -9.49 -6.85 -0.52
N LEU A 141 -10.68 -6.27 -0.65
CA LEU A 141 -11.70 -6.24 0.38
C LEU A 141 -12.72 -7.35 0.11
N HIS A 142 -13.08 -8.08 1.16
CA HIS A 142 -14.16 -9.05 1.06
C HIS A 142 -15.45 -8.35 0.64
N PRO A 143 -16.27 -8.95 -0.22
CA PRO A 143 -17.53 -8.32 -0.61
C PRO A 143 -18.42 -7.91 0.56
N THR A 144 -18.36 -8.61 1.70
CA THR A 144 -19.19 -8.22 2.84
C THR A 144 -18.76 -6.89 3.43
N SER A 145 -17.48 -6.54 3.29
CA SER A 145 -16.96 -5.28 3.82
C SER A 145 -16.93 -4.15 2.80
N GLN A 146 -17.04 -4.46 1.51
CA GLN A 146 -17.02 -3.38 0.50
C GLN A 146 -18.07 -2.29 0.73
N PRO A 147 -19.33 -2.58 1.11
CA PRO A 147 -20.30 -1.49 1.23
C PRO A 147 -19.97 -0.45 2.30
N LEU A 148 -19.09 -0.77 3.24
CA LEU A 148 -18.69 0.18 4.29
C LEU A 148 -18.19 1.49 3.71
N PHE A 149 -17.54 1.43 2.55
CA PHE A 149 -16.75 2.55 2.05
C PHE A 149 -17.42 3.27 0.90
N ALA A 150 -18.73 3.14 0.77
CA ALA A 150 -19.46 3.68 -0.37
C ALA A 150 -19.53 5.20 -0.34
N PHE A 151 -19.58 5.79 -1.53
CA PHE A 151 -19.76 7.22 -1.67
C PHE A 151 -20.62 7.45 -2.91
N GLU A 152 -21.09 8.69 -3.07
CA GLU A 152 -21.96 9.05 -4.17
C GLU A 152 -21.14 9.59 -5.34
N TRP A 153 -21.49 9.18 -6.56
CA TRP A 153 -20.88 9.78 -7.74
C TRP A 153 -21.97 10.10 -8.76
N ARG A 154 -22.02 11.37 -9.18
CA ARG A 154 -22.97 11.83 -10.18
C ARG A 154 -22.28 11.97 -11.54
N SER A 161 -26.78 9.46 -11.26
CA SER A 161 -26.53 9.39 -9.82
C SER A 161 -26.54 7.95 -9.33
N GLY A 162 -25.74 7.70 -8.30
CA GLY A 162 -25.63 6.38 -7.72
C GLY A 162 -24.39 6.32 -6.86
N GLN A 163 -24.25 5.22 -6.14
CA GLN A 163 -23.09 5.03 -5.29
C GLN A 163 -22.05 4.16 -5.97
N LEU A 164 -20.79 4.40 -5.61
CA LEU A 164 -19.67 3.53 -5.90
C LEU A 164 -19.03 3.08 -4.59
N THR A 165 -18.30 1.97 -4.62
CA THR A 165 -17.49 1.62 -3.47
C THR A 165 -16.22 0.93 -3.94
N TRP A 166 -15.33 0.69 -2.96
CA TRP A 166 -13.98 0.18 -3.19
C TRP A 166 -13.98 -1.33 -3.07
N THR A 167 -13.24 -1.99 -3.97
CA THR A 167 -13.02 -3.43 -3.84
C THR A 167 -11.65 -3.74 -3.26
N ARG A 168 -10.88 -2.72 -2.93
CA ARG A 168 -9.56 -2.83 -2.35
C ARG A 168 -9.50 -1.92 -1.12
N LEU A 169 -8.51 -2.19 -0.26
CA LEU A 169 -8.27 -1.42 0.96
C LEU A 169 -8.12 0.06 0.63
N PRO A 170 -8.96 0.93 1.19
CA PRO A 170 -9.01 2.33 0.72
C PRO A 170 -8.11 3.27 1.51
N GLN A 171 -7.76 4.36 0.85
CA GLN A 171 -7.06 5.45 1.52
C GLN A 171 -7.97 6.10 2.55
N GLY A 172 -7.39 6.49 3.67
CA GLY A 172 -8.15 7.15 4.72
C GLY A 172 -8.80 6.21 5.71
N PHE A 173 -8.76 4.90 5.47
CA PHE A 173 -9.28 3.92 6.41
C PHE A 173 -8.23 3.72 7.51
N LYS A 174 -8.69 3.72 8.78
CA LYS A 174 -7.72 3.88 9.86
C LYS A 174 -6.81 2.67 10.01
N ASN A 175 -7.25 1.48 9.58
CA ASN A 175 -6.45 0.29 9.76
C ASN A 175 -5.63 -0.10 8.54
N SER A 176 -5.67 0.67 7.44
CA SER A 176 -4.96 0.24 6.24
C SER A 176 -3.45 0.12 6.45
N PRO A 177 -2.75 1.05 7.10
CA PRO A 177 -1.30 0.87 7.24
C PRO A 177 -0.93 -0.42 7.97
N THR A 178 -1.59 -0.70 9.10
CA THR A 178 -1.28 -1.90 9.86
C THR A 178 -1.66 -3.17 9.10
N LEU A 179 -2.84 -3.19 8.47
CA LEU A 179 -3.23 -4.38 7.73
C LEU A 179 -2.27 -4.63 6.57
N PHE A 180 -1.82 -3.57 5.89
CA PHE A 180 -0.88 -3.80 4.80
C PHE A 180 0.46 -4.30 5.31
N ASP A 181 0.97 -3.68 6.37
CA ASP A 181 2.25 -4.11 6.93
C ASP A 181 2.18 -5.58 7.32
N GLU A 182 1.07 -6.00 7.95
CA GLU A 182 0.97 -7.38 8.39
C GLU A 182 0.86 -8.31 7.20
N ALA A 183 0.12 -7.90 6.17
CA ALA A 183 -0.03 -8.74 4.98
C ALA A 183 1.30 -8.95 4.29
N LEU A 184 2.06 -7.87 4.09
CA LEU A 184 3.33 -8.03 3.38
C LEU A 184 4.32 -8.85 4.21
N HIS A 185 4.29 -8.70 5.53
CA HIS A 185 5.14 -9.55 6.36
C HIS A 185 4.83 -11.04 6.14
N ARG A 186 3.55 -11.39 6.06
CA ARG A 186 3.19 -12.78 5.77
C ARG A 186 3.72 -13.20 4.41
N ASP A 187 3.56 -12.34 3.40
CA ASP A 187 3.97 -12.71 2.05
C ASP A 187 5.50 -12.76 1.89
N LEU A 188 6.26 -12.04 2.72
CA LEU A 188 7.72 -12.05 2.60
C LEU A 188 8.41 -12.95 3.63
N ALA A 189 7.64 -13.68 4.45
CA ALA A 189 8.26 -14.53 5.46
C ALA A 189 9.19 -15.57 4.83
N ASP A 190 8.76 -16.18 3.73
CA ASP A 190 9.59 -17.19 3.09
C ASP A 190 10.86 -16.57 2.50
N PHE A 191 10.74 -15.38 1.91
CA PHE A 191 11.92 -14.70 1.41
C PHE A 191 12.96 -14.52 2.51
N ARG A 192 12.51 -14.15 3.71
CA ARG A 192 13.46 -13.96 4.81
C ARG A 192 14.16 -15.27 5.16
N ILE A 193 13.40 -16.37 5.15
CA ILE A 193 13.96 -17.68 5.49
C ILE A 193 14.95 -18.14 4.43
N GLN A 194 14.69 -17.81 3.17
CA GLN A 194 15.56 -18.25 2.09
C GLN A 194 16.81 -17.40 1.97
N HIS A 195 16.82 -16.20 2.57
CA HIS A 195 17.97 -15.30 2.50
C HIS A 195 18.32 -14.84 3.92
N PRO A 196 18.80 -15.76 4.76
CA PRO A 196 19.03 -15.40 6.18
C PRO A 196 20.12 -14.37 6.38
N ASP A 197 20.99 -14.15 5.40
CA ASP A 197 22.07 -13.19 5.52
C ASP A 197 21.70 -11.80 5.02
N LEU A 198 20.47 -11.59 4.59
CA LEU A 198 19.98 -10.28 4.18
C LEU A 198 19.21 -9.64 5.32
N ILE A 199 19.28 -8.31 5.41
CA ILE A 199 18.45 -7.55 6.33
C ILE A 199 17.35 -6.90 5.51
N LEU A 200 16.09 -7.15 5.88
CA LEU A 200 14.94 -6.56 5.20
C LEU A 200 14.11 -5.81 6.22
N LEU A 201 14.05 -4.48 6.07
CA LEU A 201 13.21 -3.65 6.93
C LEU A 201 11.94 -3.29 6.16
N GLN A 202 10.79 -3.45 6.82
CA GLN A 202 9.50 -3.12 6.24
C GLN A 202 8.84 -2.01 7.06
N TYR A 203 8.48 -0.91 6.38
CA TYR A 203 7.66 0.16 6.97
C TYR A 203 6.48 0.41 6.03
N VAL A 204 5.41 -0.39 6.16
CA VAL A 204 4.24 -0.35 5.28
C VAL A 204 4.71 -0.55 3.84
N ASP A 205 4.69 0.49 3.01
CA ASP A 205 5.08 0.32 1.62
C ASP A 205 6.53 0.73 1.34
N ASP A 206 7.32 1.02 2.37
CA ASP A 206 8.70 1.46 2.23
C ASP A 206 9.65 0.35 2.68
N LEU A 207 10.46 -0.16 1.76
CA LEU A 207 11.30 -1.33 2.03
C LEU A 207 12.78 -1.01 1.90
N LEU A 208 13.58 -1.53 2.82
CA LEU A 208 15.04 -1.45 2.73
C LEU A 208 15.63 -2.85 2.79
N LEU A 209 16.46 -3.18 1.82
CA LEU A 209 17.21 -4.43 1.81
C LEU A 209 18.68 -4.08 2.00
N ALA A 210 19.35 -4.78 2.91
CA ALA A 210 20.76 -4.52 3.21
C ALA A 210 21.56 -5.81 3.12
N ALA A 211 22.75 -5.71 2.54
CA ALA A 211 23.62 -6.86 2.34
C ALA A 211 25.06 -6.47 2.64
N THR A 212 25.92 -7.48 2.75
CA THR A 212 27.31 -7.26 3.09
C THR A 212 28.14 -6.83 1.88
N SER A 213 27.85 -7.36 0.70
CA SER A 213 28.60 -7.06 -0.50
C SER A 213 27.67 -6.51 -1.58
N GLU A 214 28.27 -5.85 -2.57
CA GLU A 214 27.49 -5.38 -3.71
C GLU A 214 26.86 -6.55 -4.46
N LEU A 215 27.62 -7.63 -4.64
CA LEU A 215 27.07 -8.82 -5.28
C LEU A 215 25.90 -9.39 -4.50
N ASP A 216 26.06 -9.53 -3.18
CA ASP A 216 24.97 -10.06 -2.35
C ASP A 216 23.75 -9.15 -2.42
N CYS A 217 23.96 -7.83 -2.43
CA CYS A 217 22.85 -6.91 -2.59
C CYS A 217 22.20 -7.07 -3.97
N GLN A 218 23.03 -7.22 -5.01
CA GLN A 218 22.51 -7.43 -6.35
C GLN A 218 21.67 -8.70 -6.42
N GLN A 219 22.25 -9.84 -5.98
CA GLN A 219 21.51 -11.10 -5.96
C GLN A 219 20.25 -10.99 -5.13
N GLY A 220 20.35 -10.36 -3.96
CA GLY A 220 19.19 -10.25 -3.08
C GLY A 220 18.12 -9.36 -3.66
N THR A 221 18.52 -8.26 -4.29
CA THR A 221 17.56 -7.36 -4.92
C THR A 221 16.82 -8.04 -6.06
N ARG A 222 17.54 -8.83 -6.87
CA ARG A 222 16.87 -9.58 -7.94
C ARG A 222 15.86 -10.56 -7.37
N ALA A 223 16.22 -11.28 -6.30
CA ALA A 223 15.29 -12.21 -5.68
C ALA A 223 14.10 -11.46 -5.08
N LEU A 224 14.34 -10.30 -4.48
CA LEU A 224 13.24 -9.57 -3.85
C LEU A 224 12.29 -9.01 -4.90
N LEU A 225 12.82 -8.46 -5.99
CA LEU A 225 11.94 -7.98 -7.05
C LEU A 225 11.17 -9.12 -7.69
N GLN A 226 11.85 -10.24 -7.97
CA GLN A 226 11.18 -11.41 -8.50
C GLN A 226 10.02 -11.83 -7.60
N THR A 227 10.29 -11.91 -6.29
CA THR A 227 9.28 -12.33 -5.33
C THR A 227 8.13 -11.32 -5.25
N LEU A 228 8.45 -10.02 -5.16
CA LEU A 228 7.39 -9.00 -5.07
C LEU A 228 6.47 -9.06 -6.27
N GLY A 229 7.02 -9.07 -7.48
CA GLY A 229 6.17 -9.13 -8.65
C GLY A 229 5.32 -10.39 -8.69
N ASN A 230 5.94 -11.53 -8.32
CA ASN A 230 5.22 -12.79 -8.28
C ASN A 230 4.04 -12.75 -7.31
N LEU A 231 4.22 -12.08 -6.18
CA LEU A 231 3.16 -11.98 -5.17
C LEU A 231 2.08 -10.97 -5.54
N GLY A 232 2.35 -10.11 -6.51
CA GLY A 232 1.37 -9.15 -6.96
C GLY A 232 1.58 -7.72 -6.49
N TYR A 233 2.71 -7.43 -5.86
CA TYR A 233 3.05 -6.07 -5.50
C TYR A 233 3.88 -5.43 -6.61
N ARG A 234 3.95 -4.09 -6.58
CA ARG A 234 4.65 -3.34 -7.63
C ARG A 234 5.47 -2.23 -7.00
N ALA A 235 6.74 -2.15 -7.36
CA ALA A 235 7.64 -1.12 -6.86
C ALA A 235 7.80 -0.01 -7.89
N SER A 236 8.12 1.19 -7.40
CA SER A 236 8.32 2.33 -8.29
C SER A 236 9.72 2.28 -8.88
N ALA A 237 9.82 2.05 -10.19
CA ALA A 237 11.12 2.11 -10.84
C ALA A 237 11.71 3.50 -10.79
N LYS A 238 10.86 4.53 -10.92
CA LYS A 238 11.35 5.90 -10.95
C LYS A 238 12.11 6.25 -9.67
N LYS A 239 11.63 5.76 -8.52
CA LYS A 239 12.19 6.15 -7.25
C LYS A 239 13.17 5.14 -6.68
N ALA A 240 13.30 3.96 -7.30
CA ALA A 240 14.14 2.90 -6.75
C ALA A 240 15.59 3.34 -6.60
N GLN A 241 16.18 3.05 -5.44
CA GLN A 241 17.60 3.22 -5.18
C GLN A 241 18.21 1.83 -5.05
N ILE A 242 19.02 1.42 -6.02
CA ILE A 242 19.41 0.03 -6.17
C ILE A 242 20.91 -0.11 -5.91
N CYS A 243 21.26 -0.95 -4.93
CA CYS A 243 22.63 -1.38 -4.67
C CYS A 243 23.58 -0.19 -4.53
N GLN A 244 23.19 0.75 -3.68
CA GLN A 244 24.00 1.91 -3.37
C GLN A 244 24.62 1.77 -1.98
N LYS A 245 25.77 2.42 -1.81
CA LYS A 245 26.35 2.54 -0.48
C LYS A 245 25.70 3.63 0.34
N GLN A 246 24.85 4.46 -0.27
CA GLN A 246 24.21 5.58 0.41
C GLN A 246 22.81 5.75 -0.16
N VAL A 247 21.78 5.71 0.70
CA VAL A 247 20.39 5.82 0.25
C VAL A 247 19.59 6.68 1.23
N LYS A 248 18.45 7.18 0.72
CA LYS A 248 17.46 7.88 1.53
C LYS A 248 16.36 6.89 1.90
N TYR A 249 16.07 6.75 3.20
CA TYR A 249 15.05 5.81 3.66
C TYR A 249 14.34 6.39 4.86
N LEU A 250 13.02 6.51 4.77
CA LEU A 250 12.17 6.99 5.87
C LEU A 250 12.66 8.34 6.40
N GLY A 251 13.08 9.21 5.49
CA GLY A 251 13.51 10.55 5.87
C GLY A 251 14.92 10.65 6.38
N TYR A 252 15.65 9.54 6.48
CA TYR A 252 17.05 9.57 6.87
C TYR A 252 17.93 9.43 5.62
N LEU A 253 19.14 9.98 5.71
CA LEU A 253 20.19 9.67 4.76
C LEU A 253 21.11 8.65 5.40
N LEU A 254 21.08 7.42 4.89
CA LEU A 254 21.94 6.35 5.41
C LEU A 254 23.26 6.39 4.65
N LYS A 255 24.30 6.80 5.36
CA LYS A 255 25.64 6.99 4.81
C LYS A 255 26.62 6.74 5.94
N GLU A 256 27.72 6.05 5.64
CA GLU A 256 28.74 5.69 6.62
C GLU A 256 28.21 4.78 7.72
N GLY A 257 27.06 4.16 7.50
CA GLY A 257 26.39 3.48 8.59
C GLY A 257 25.80 4.41 9.63
N GLN A 258 25.64 5.69 9.29
CA GLN A 258 25.19 6.72 10.22
C GLN A 258 23.74 7.09 9.96
N ARG A 259 23.06 7.46 11.03
CA ARG A 259 21.66 7.87 11.04
C ARG A 259 20.72 6.76 10.61
#